data_9CKQ
#
_entry.id   9CKQ
#
_cell.length_a   137.272
_cell.length_b   137.272
_cell.length_c   70.988
_cell.angle_alpha   90.000
_cell.angle_beta   90.000
_cell.angle_gamma   90.000
#
_symmetry.space_group_name_H-M   'P 41 21 2'
#
loop_
_entity.id
_entity.type
_entity.pdbx_description
1 polymer 'G protein-coupled receptor kinase 5'
2 water water
#
_entity_poly.entity_id   1
_entity_poly.type   'polypeptide(L)'
_entity_poly.pdbx_seq_one_letter_code
;ELENIVANTVLLKAREGGGGKRKGKSKKWKEILKFPHISQCEDLRRTIDRDYCSLCDKQPIGRLLFRQFCETRPGLECYI
QFLDSVAEYEVTPDEKLGEKGKEIMTKYLTPKSPVFIAQVGQDLVSQTEEKLLQKPCKELFSACAQSVHEYLRGEPFHEY
LDSMFFDRFLQWKWLERQPVTKNTFRQYRVLGKGGFGEVCACQVRATGKMYACKRLEKKRIKKRKGESMALNEKQILEKV
NSQFVVNLAYAYETKDALCLVLTIMNGGDLKFHIYNMGNPGFEEERALFYAAEILCGLEDLHRENTVYRNLKPENILLDD
YGHIRISDLGLAVKIPEGDLIRGRVGTVGYMAPEVLNNQRYGLSPDYWGLGCLIYEMIEGQSPFRGRKEKVKREEVDRRV
LETEEVYSHKFSEEAKSICKMLLTKDAKQRLGCQEEGAAEVKRHPFFRNMNFKRLEAGMLDPPFVPDPRAVYCKDVLDIE
QFSTVKGVNLDHTDDDFYSKFSTGSVSIPWQNEMIETECFKELNVFGPNGTLPPDLNRNHPPEPPKKGLLQRLFKRQHQN
NSKSSPSSKTSFNHHINSNHVSSNSTGSSVDHHHHHH
;
_entity_poly.pdbx_strand_id   A
#
# COMPACT_ATOMS: atom_id res chain seq x y z
N GLY A 24 -20.79 15.14 3.16
CA GLY A 24 -20.72 14.61 4.51
C GLY A 24 -19.77 15.37 5.41
N LYS A 25 -19.34 16.55 4.95
CA LYS A 25 -18.40 17.35 5.71
C LYS A 25 -19.14 18.20 6.74
N SER A 26 -18.67 18.17 7.99
CA SER A 26 -19.17 19.09 8.99
C SER A 26 -19.13 20.51 8.45
N LYS A 27 -20.27 21.19 8.50
CA LYS A 27 -20.39 22.51 7.88
C LYS A 27 -19.35 23.50 8.41
N LYS A 28 -18.69 23.15 9.51
CA LYS A 28 -17.70 24.03 10.14
C LYS A 28 -16.27 23.62 9.84
N TRP A 29 -16.04 22.88 8.74
CA TRP A 29 -14.75 22.23 8.55
C TRP A 29 -13.67 23.20 8.10
N LYS A 30 -14.04 24.23 7.31
CA LYS A 30 -13.04 25.19 6.85
C LYS A 30 -12.30 25.85 8.00
N GLU A 31 -12.89 25.86 9.19
CA GLU A 31 -12.26 26.45 10.37
C GLU A 31 -11.45 25.41 11.14
N ILE A 32 -11.96 24.17 11.21
CA ILE A 32 -11.22 23.10 11.87
C ILE A 32 -9.88 22.89 11.20
N LEU A 33 -9.88 22.81 9.86
CA LEU A 33 -8.65 22.66 9.09
C LEU A 33 -8.11 23.99 8.58
N LYS A 34 -8.34 25.06 9.34
CA LYS A 34 -7.82 26.37 8.96
C LYS A 34 -6.30 26.39 9.14
N PHE A 35 -5.60 26.85 8.12
CA PHE A 35 -4.14 26.90 8.18
C PHE A 35 -3.71 27.71 9.40
N PRO A 36 -2.70 27.26 10.14
CA PRO A 36 -2.09 28.11 11.17
C PRO A 36 -1.18 29.13 10.51
N HIS A 37 -1.01 30.27 11.18
CA HIS A 37 -0.07 31.26 10.67
C HIS A 37 1.33 30.66 10.61
N ILE A 38 2.07 31.04 9.55
CA ILE A 38 3.38 30.45 9.32
C ILE A 38 4.33 30.61 10.49
N SER A 39 4.10 31.59 11.36
CA SER A 39 4.96 31.77 12.52
C SER A 39 4.77 30.66 13.54
N GLN A 40 3.68 29.89 13.44
CA GLN A 40 3.45 28.78 14.35
C GLN A 40 4.28 27.56 13.99
N CYS A 41 4.91 27.54 12.81
CA CYS A 41 5.52 26.35 12.26
C CYS A 41 7.03 26.32 12.37
N GLU A 42 7.63 27.21 13.18
CA GLU A 42 9.09 27.27 13.23
C GLU A 42 9.68 25.99 13.80
N ASP A 43 9.05 25.43 14.84
CA ASP A 43 9.59 24.18 15.42
C ASP A 43 9.52 23.04 14.43
N LEU A 44 8.55 23.06 13.51
CA LEU A 44 8.51 22.05 12.46
C LEU A 44 9.64 22.27 11.46
N ARG A 45 9.83 23.51 11.03
CA ARG A 45 10.89 23.81 10.08
C ARG A 45 12.24 23.34 10.61
N ARG A 46 12.49 23.49 11.91
CA ARG A 46 13.77 23.15 12.48
C ARG A 46 13.99 21.66 12.66
N THR A 47 12.93 20.85 12.71
CA THR A 47 13.06 19.43 13.01
C THR A 47 12.81 18.51 11.82
N ILE A 48 11.92 18.88 10.90
CA ILE A 48 11.62 18.01 9.76
C ILE A 48 12.88 17.80 8.95
N ASP A 49 13.20 16.54 8.67
CA ASP A 49 14.37 16.19 7.87
C ASP A 49 14.13 16.53 6.41
N ARG A 50 15.00 17.36 5.84
CA ARG A 50 14.87 17.85 4.47
C ARG A 50 15.41 16.81 3.49
N ASP A 51 14.58 15.79 3.24
CA ASP A 51 14.91 14.69 2.34
C ASP A 51 14.03 14.78 1.11
N TYR A 52 14.67 14.83 -0.07
CA TYR A 52 13.93 15.01 -1.31
C TYR A 52 12.87 13.92 -1.49
N CYS A 53 13.28 12.66 -1.41
CA CYS A 53 12.34 11.57 -1.67
C CYS A 53 11.13 11.64 -0.76
N SER A 54 11.33 12.05 0.50
CA SER A 54 10.23 12.10 1.45
C SER A 54 9.32 13.31 1.21
N LEU A 55 9.93 14.48 1.02
CA LEU A 55 9.15 15.71 0.95
C LEU A 55 8.56 15.97 -0.44
N CYS A 56 9.10 15.36 -1.50
CA CYS A 56 8.67 15.65 -2.85
C CYS A 56 8.09 14.44 -3.57
N ASP A 57 7.94 13.31 -2.90
CA ASP A 57 7.38 12.14 -3.55
C ASP A 57 6.59 11.27 -2.58
N LYS A 58 7.25 10.76 -1.53
CA LYS A 58 6.57 9.82 -0.65
C LYS A 58 5.38 10.46 0.06
N GLN A 59 5.54 11.69 0.53
CA GLN A 59 4.45 12.37 1.24
C GLN A 59 3.51 13.00 0.23
N PRO A 60 2.24 12.56 0.17
CA PRO A 60 1.36 13.00 -0.93
C PRO A 60 1.24 14.51 -1.07
N ILE A 61 1.11 15.25 0.03
CA ILE A 61 0.90 16.69 -0.08
C ILE A 61 2.20 17.41 -0.43
N GLY A 62 3.35 16.88 0.01
CA GLY A 62 4.61 17.47 -0.39
C GLY A 62 4.92 17.26 -1.86
N ARG A 63 4.53 16.09 -2.39
CA ARG A 63 4.69 15.83 -3.81
C ARG A 63 3.90 16.84 -4.64
N LEU A 64 2.66 17.13 -4.23
CA LEU A 64 1.85 18.08 -4.99
C LEU A 64 2.37 19.50 -4.85
N LEU A 65 2.92 19.85 -3.69
CA LEU A 65 3.41 21.21 -3.50
C LEU A 65 4.71 21.47 -4.24
N PHE A 66 5.61 20.46 -4.27
CA PHE A 66 6.81 20.61 -5.09
C PHE A 66 6.46 20.67 -6.57
N ARG A 67 5.56 19.79 -7.03
CA ARG A 67 5.10 19.87 -8.41
C ARG A 67 4.51 21.25 -8.71
N GLN A 68 3.78 21.80 -7.75
CA GLN A 68 3.17 23.12 -7.96
C GLN A 68 4.24 24.21 -8.00
N PHE A 69 5.31 24.06 -7.20
CA PHE A 69 6.40 25.02 -7.26
C PHE A 69 7.09 24.99 -8.61
N CYS A 70 7.33 23.79 -9.15
CA CYS A 70 7.98 23.68 -10.45
C CYS A 70 7.12 24.29 -11.55
N GLU A 71 5.81 24.38 -11.35
CA GLU A 71 4.94 25.00 -12.35
C GLU A 71 5.11 26.52 -12.39
N THR A 72 5.51 27.13 -11.27
CA THR A 72 5.69 28.58 -11.26
C THR A 72 6.92 28.98 -12.08
N ARG A 73 8.08 28.41 -11.76
CA ARG A 73 9.26 28.61 -12.59
C ARG A 73 9.03 27.99 -13.97
N PRO A 74 9.54 28.62 -15.04
CA PRO A 74 9.27 28.07 -16.38
C PRO A 74 10.21 26.93 -16.72
N GLY A 75 11.49 27.08 -16.38
CA GLY A 75 12.48 26.08 -16.74
C GLY A 75 12.29 24.75 -16.06
N LEU A 76 11.56 24.71 -14.95
CA LEU A 76 11.30 23.46 -14.25
C LEU A 76 10.01 22.79 -14.69
N GLU A 77 9.12 23.52 -15.37
CA GLU A 77 7.85 22.95 -15.80
C GLU A 77 8.07 21.65 -16.58
N CYS A 78 8.96 21.70 -17.58
CA CYS A 78 9.05 20.58 -18.51
C CYS A 78 9.51 19.29 -17.82
N TYR A 79 10.23 19.40 -16.70
CA TYR A 79 10.71 18.19 -16.05
C TYR A 79 9.59 17.43 -15.36
N ILE A 80 8.59 18.15 -14.84
CA ILE A 80 7.46 17.47 -14.23
C ILE A 80 6.59 16.82 -15.30
N GLN A 81 6.50 17.43 -16.49
CA GLN A 81 5.72 16.83 -17.57
C GLN A 81 6.38 15.55 -18.06
N PHE A 82 7.71 15.54 -18.20
CA PHE A 82 8.43 14.36 -18.66
C PHE A 82 8.18 13.18 -17.74
N LEU A 83 8.41 13.37 -16.44
CA LEU A 83 8.20 12.27 -15.49
C LEU A 83 6.78 11.75 -15.57
N ASP A 84 5.81 12.64 -15.79
CA ASP A 84 4.42 12.21 -15.94
C ASP A 84 4.27 11.30 -17.15
N SER A 85 4.87 11.68 -18.28
CA SER A 85 4.73 10.87 -19.49
C SER A 85 5.50 9.56 -19.37
N VAL A 86 6.59 9.55 -18.60
CA VAL A 86 7.30 8.30 -18.36
C VAL A 86 6.46 7.37 -17.50
N ALA A 87 5.66 7.93 -16.58
CA ALA A 87 4.78 7.11 -15.76
C ALA A 87 3.74 6.40 -16.62
N GLU A 88 3.19 7.10 -17.63
CA GLU A 88 2.20 6.48 -18.51
C GLU A 88 2.86 5.47 -19.44
N TYR A 89 4.14 5.65 -19.74
CA TYR A 89 4.84 4.71 -20.59
C TYR A 89 5.03 3.37 -19.90
N GLU A 90 5.35 3.37 -18.60
CA GLU A 90 5.63 2.12 -17.91
C GLU A 90 4.39 1.23 -17.87
N VAL A 91 3.20 1.84 -17.76
CA VAL A 91 1.96 1.08 -17.72
C VAL A 91 1.32 0.95 -19.10
N THR A 92 1.93 1.51 -20.13
CA THR A 92 1.37 1.41 -21.47
C THR A 92 1.33 -0.05 -21.89
N PRO A 93 0.26 -0.48 -22.58
CA PRO A 93 0.22 -1.87 -23.08
C PRO A 93 1.43 -2.18 -23.93
N ASP A 94 1.86 -3.45 -23.86
CA ASP A 94 3.12 -3.83 -24.50
C ASP A 94 3.12 -3.54 -26.00
N GLU A 95 1.95 -3.57 -26.64
CA GLU A 95 1.91 -3.35 -28.08
C GLU A 95 2.15 -1.89 -28.43
N LYS A 96 1.66 -0.96 -27.60
CA LYS A 96 1.79 0.46 -27.88
C LYS A 96 3.04 1.08 -27.27
N LEU A 97 3.95 0.27 -26.74
CA LEU A 97 5.17 0.82 -26.16
C LEU A 97 5.99 1.54 -27.22
N GLY A 98 6.25 0.86 -28.34
CA GLY A 98 6.95 1.52 -29.43
C GLY A 98 6.27 2.78 -29.90
N GLU A 99 4.93 2.81 -29.85
CA GLU A 99 4.18 4.00 -30.26
C GLU A 99 4.38 5.13 -29.26
N LYS A 100 4.12 4.86 -27.98
CA LYS A 100 4.25 5.90 -26.97
C LYS A 100 5.68 6.39 -26.83
N GLY A 101 6.65 5.50 -27.07
CA GLY A 101 8.05 5.91 -26.99
C GLY A 101 8.34 7.10 -27.91
N LYS A 102 7.90 7.00 -29.17
CA LYS A 102 8.18 8.07 -30.12
C LYS A 102 7.66 9.41 -29.61
N GLU A 103 6.44 9.42 -29.07
CA GLU A 103 5.85 10.66 -28.56
C GLU A 103 6.79 11.31 -27.54
N ILE A 104 7.08 10.60 -26.46
CA ILE A 104 7.97 11.16 -25.43
C ILE A 104 9.28 11.62 -26.04
N MET A 105 9.78 10.88 -27.04
CA MET A 105 11.05 11.22 -27.67
C MET A 105 10.94 12.54 -28.41
N THR A 106 10.03 12.64 -29.37
CA THR A 106 9.95 13.84 -30.19
C THR A 106 9.43 15.06 -29.43
N LYS A 107 9.06 14.92 -28.16
CA LYS A 107 8.53 16.03 -27.36
C LYS A 107 9.52 16.56 -26.34
N TYR A 108 10.23 15.67 -25.65
CA TYR A 108 11.16 16.07 -24.61
C TYR A 108 12.62 15.85 -24.96
N LEU A 109 12.92 14.96 -25.90
CA LEU A 109 14.30 14.58 -26.18
C LEU A 109 14.70 14.93 -27.59
N THR A 110 14.31 16.11 -28.04
CA THR A 110 14.77 16.68 -29.31
C THR A 110 15.22 18.10 -29.00
N PRO A 111 16.49 18.45 -29.21
CA PRO A 111 16.98 19.75 -28.70
C PRO A 111 16.11 20.94 -29.08
N LYS A 112 15.47 20.91 -30.24
CA LYS A 112 14.67 22.05 -30.68
C LYS A 112 13.29 22.10 -30.04
N SER A 113 12.90 21.07 -29.29
CA SER A 113 11.59 21.07 -28.65
C SER A 113 11.49 22.25 -27.68
N PRO A 114 10.27 22.73 -27.40
CA PRO A 114 10.12 23.81 -26.41
C PRO A 114 10.27 23.30 -24.98
N VAL A 115 9.86 22.04 -24.76
CA VAL A 115 9.93 21.45 -23.42
C VAL A 115 11.11 20.49 -23.32
N PHE A 116 12.21 20.81 -24.00
CA PHE A 116 13.35 19.89 -24.06
C PHE A 116 14.00 19.82 -22.68
N ILE A 117 13.91 18.66 -22.04
CA ILE A 117 14.62 18.40 -20.79
C ILE A 117 16.11 18.42 -21.09
N ALA A 118 16.82 19.41 -20.55
CA ALA A 118 18.20 19.66 -20.94
C ALA A 118 19.20 18.97 -20.03
N GLN A 119 18.96 18.93 -18.73
CA GLN A 119 19.91 18.35 -17.78
C GLN A 119 20.07 16.84 -17.93
N VAL A 120 19.37 16.21 -18.88
CA VAL A 120 19.59 14.79 -19.12
C VAL A 120 20.97 14.56 -19.73
N GLY A 121 21.45 15.51 -20.52
CA GLY A 121 22.75 15.39 -21.16
C GLY A 121 22.64 14.91 -22.59
N GLN A 122 23.47 15.44 -23.49
CA GLN A 122 23.41 15.01 -24.88
C GLN A 122 23.83 13.54 -25.02
N ASP A 123 24.80 13.10 -24.20
CA ASP A 123 25.27 11.72 -24.31
C ASP A 123 24.21 10.72 -23.86
N LEU A 124 23.24 11.13 -23.04
CA LEU A 124 22.21 10.22 -22.57
C LEU A 124 20.97 10.21 -23.46
N VAL A 125 20.67 11.31 -24.16
CA VAL A 125 19.61 11.30 -25.14
C VAL A 125 19.99 10.42 -26.33
N SER A 126 21.28 10.42 -26.69
CA SER A 126 21.72 9.63 -27.84
C SER A 126 21.64 8.14 -27.56
N GLN A 127 21.74 7.73 -26.29
CA GLN A 127 21.58 6.31 -25.97
C GLN A 127 20.12 5.89 -26.01
N THR A 128 19.22 6.78 -25.58
CA THR A 128 17.80 6.48 -25.59
C THR A 128 17.26 6.37 -27.01
N GLU A 129 17.96 6.92 -27.99
CA GLU A 129 17.56 6.74 -29.38
C GLU A 129 17.85 5.34 -29.87
N GLU A 130 18.80 4.63 -29.25
CA GLU A 130 19.14 3.27 -29.66
C GLU A 130 18.17 2.26 -29.07
N LYS A 131 17.91 2.34 -27.76
CA LYS A 131 16.95 1.43 -27.14
C LYS A 131 15.57 1.55 -27.80
N LEU A 132 15.29 2.69 -28.44
CA LEU A 132 14.01 2.87 -29.13
C LEU A 132 14.05 2.27 -30.52
N LEU A 133 15.20 2.31 -31.19
CA LEU A 133 15.36 1.63 -32.47
C LEU A 133 15.60 0.13 -32.30
N GLN A 134 15.53 -0.39 -31.07
CA GLN A 134 15.80 -1.79 -30.81
C GLN A 134 14.52 -2.45 -30.36
N LYS A 135 14.19 -2.46 -29.08
CA LYS A 135 13.00 -3.13 -28.57
C LYS A 135 12.29 -2.21 -27.59
N PRO A 136 10.96 -2.15 -27.62
CA PRO A 136 10.24 -1.33 -26.65
C PRO A 136 10.11 -2.03 -25.31
N CYS A 137 10.98 -1.67 -24.36
CA CYS A 137 10.88 -2.15 -22.99
C CYS A 137 10.21 -1.09 -22.12
N LYS A 138 9.44 -1.55 -21.14
CA LYS A 138 8.74 -0.63 -20.26
C LYS A 138 9.68 0.17 -19.36
N GLU A 139 10.97 -0.13 -19.39
CA GLU A 139 11.98 0.59 -18.61
C GLU A 139 12.90 1.42 -19.49
N LEU A 140 12.46 1.74 -20.71
CA LEU A 140 13.32 2.46 -21.65
C LEU A 140 13.82 3.76 -21.05
N PHE A 141 12.91 4.57 -20.51
CA PHE A 141 13.25 5.88 -19.99
C PHE A 141 13.66 5.85 -18.52
N SER A 142 13.89 4.67 -17.95
CA SER A 142 14.30 4.59 -16.55
C SER A 142 15.63 5.30 -16.33
N ALA A 143 16.56 5.16 -17.27
CA ALA A 143 17.83 5.87 -17.14
C ALA A 143 17.61 7.38 -17.17
N CYS A 144 16.72 7.86 -18.04
CA CYS A 144 16.46 9.28 -18.14
C CYS A 144 15.78 9.81 -16.88
N ALA A 145 14.73 9.12 -16.42
CA ALA A 145 13.98 9.58 -15.26
C ALA A 145 14.90 9.81 -14.06
N GLN A 146 15.88 8.92 -13.87
CA GLN A 146 16.81 9.08 -12.75
C GLN A 146 17.66 10.34 -12.94
N SER A 147 18.16 10.56 -14.14
CA SER A 147 18.95 11.76 -14.39
C SER A 147 18.16 13.02 -14.08
N VAL A 148 16.84 13.00 -14.33
CA VAL A 148 16.02 14.17 -14.04
C VAL A 148 15.86 14.34 -12.53
N HIS A 149 15.62 13.24 -11.82
CA HIS A 149 15.48 13.32 -10.37
C HIS A 149 16.74 13.84 -9.71
N GLU A 150 17.92 13.41 -10.19
CA GLU A 150 19.17 13.86 -9.60
C GLU A 150 19.44 15.33 -9.89
N TYR A 151 18.78 15.90 -10.90
CA TYR A 151 18.84 17.35 -11.08
C TYR A 151 17.92 18.05 -10.09
N LEU A 152 16.68 17.56 -9.96
CA LEU A 152 15.72 18.17 -9.04
C LEU A 152 16.15 17.99 -7.59
N ARG A 153 16.93 16.94 -7.30
CA ARG A 153 17.47 16.76 -5.96
C ARG A 153 18.36 17.92 -5.55
N GLY A 154 18.95 18.60 -6.52
CA GLY A 154 19.88 19.68 -6.25
C GLY A 154 19.21 21.03 -6.13
N GLU A 155 19.48 21.91 -7.09
CA GLU A 155 19.05 23.30 -6.94
C GLU A 155 17.53 23.43 -6.83
N PRO A 156 16.72 22.82 -7.70
CA PRO A 156 15.26 23.01 -7.59
C PRO A 156 14.71 22.70 -6.21
N PHE A 157 15.19 21.63 -5.58
CA PHE A 157 14.71 21.26 -4.24
C PHE A 157 15.01 22.36 -3.22
N HIS A 158 16.21 22.94 -3.27
CA HIS A 158 16.60 23.90 -2.24
C HIS A 158 15.95 25.26 -2.44
N GLU A 159 15.58 25.61 -3.68
CA GLU A 159 14.75 26.79 -3.88
C GLU A 159 13.35 26.57 -3.31
N TYR A 160 12.75 25.43 -3.65
CA TYR A 160 11.44 25.07 -3.11
C TYR A 160 11.44 25.11 -1.58
N LEU A 161 12.55 24.71 -0.97
CA LEU A 161 12.61 24.71 0.49
C LEU A 161 12.53 26.12 1.05
N ASP A 162 12.95 27.13 0.28
CA ASP A 162 12.84 28.51 0.69
C ASP A 162 11.63 29.21 0.08
N SER A 163 10.79 28.47 -0.63
CA SER A 163 9.65 29.06 -1.32
C SER A 163 8.41 29.04 -0.41
N MET A 164 7.37 29.77 -0.84
CA MET A 164 6.11 29.77 -0.10
C MET A 164 5.42 28.42 -0.12
N PHE A 165 5.81 27.52 -1.03
CA PHE A 165 5.15 26.23 -1.13
C PHE A 165 5.62 25.26 -0.06
N PHE A 166 6.87 25.38 0.38
CA PHE A 166 7.31 24.60 1.53
C PHE A 166 6.72 25.17 2.81
N ASP A 167 6.60 26.50 2.90
CA ASP A 167 5.89 27.09 4.03
C ASP A 167 4.46 26.55 4.12
N ARG A 168 3.81 26.38 2.96
CA ARG A 168 2.47 25.81 2.95
C ARG A 168 2.48 24.34 3.35
N PHE A 169 3.54 23.61 2.98
CA PHE A 169 3.69 22.24 3.43
C PHE A 169 3.81 22.17 4.95
N LEU A 170 4.59 23.07 5.55
CA LEU A 170 4.72 23.10 7.00
C LEU A 170 3.37 23.33 7.67
N GLN A 171 2.52 24.17 7.07
CA GLN A 171 1.18 24.37 7.61
C GLN A 171 0.38 23.08 7.59
N TRP A 172 0.44 22.33 6.48
CA TRP A 172 -0.26 21.06 6.42
C TRP A 172 0.29 20.08 7.45
N LYS A 173 1.61 20.08 7.67
CA LYS A 173 2.17 19.21 8.69
C LYS A 173 1.66 19.59 10.07
N TRP A 174 1.49 20.89 10.33
CA TRP A 174 0.95 21.33 11.60
C TRP A 174 -0.44 20.76 11.83
N LEU A 175 -1.29 20.77 10.80
CA LEU A 175 -2.61 20.19 10.93
C LEU A 175 -2.54 18.67 11.13
N GLU A 176 -1.66 18.01 10.39
CA GLU A 176 -1.52 16.56 10.52
C GLU A 176 -1.24 16.15 11.96
N ARG A 177 -0.36 16.88 12.64
CA ARG A 177 0.07 16.51 13.98
C ARG A 177 -0.88 16.96 15.08
N GLN A 178 -2.00 17.59 14.73
CA GLN A 178 -2.94 18.00 15.76
C GLN A 178 -3.49 16.78 16.49
N PRO A 179 -3.86 16.93 17.76
CA PRO A 179 -4.34 15.78 18.53
C PRO A 179 -5.58 15.17 17.90
N VAL A 180 -5.65 13.84 17.90
CA VAL A 180 -6.79 13.10 17.41
C VAL A 180 -7.51 12.49 18.61
N THR A 181 -8.80 12.81 18.73
CA THR A 181 -9.61 12.37 19.85
C THR A 181 -10.91 11.76 19.34
N LYS A 182 -11.75 11.31 20.28
CA LYS A 182 -13.05 10.75 19.88
C LYS A 182 -13.90 11.81 19.21
N ASN A 183 -13.65 13.07 19.51
CA ASN A 183 -14.38 14.11 18.82
C ASN A 183 -14.01 14.14 17.33
N THR A 184 -12.77 13.86 16.98
CA THR A 184 -12.39 13.99 15.58
C THR A 184 -13.26 13.14 14.66
N PHE A 185 -13.95 12.13 15.20
CA PHE A 185 -14.68 11.16 14.41
C PHE A 185 -16.16 11.21 14.73
N ARG A 186 -16.92 10.32 14.07
CA ARG A 186 -18.39 10.27 14.14
C ARG A 186 -18.78 8.81 13.91
N GLN A 187 -18.95 8.07 14.99
CA GLN A 187 -19.16 6.63 14.91
C GLN A 187 -20.54 6.33 14.32
N TYR A 188 -20.56 5.52 13.27
CA TYR A 188 -21.81 5.11 12.63
C TYR A 188 -22.13 3.65 12.97
N CYS A 200 -17.78 -1.76 13.70
CA CYS A 200 -17.73 -0.30 13.87
C CYS A 200 -17.22 0.36 12.59
N ALA A 201 -17.63 1.60 12.34
CA ALA A 201 -17.23 2.30 11.12
C ALA A 201 -17.31 3.80 11.39
N CYS A 202 -16.17 4.40 11.74
CA CYS A 202 -16.12 5.81 12.06
C CYS A 202 -15.93 6.66 10.80
N GLN A 203 -16.48 7.87 10.84
CA GLN A 203 -16.32 8.85 9.78
C GLN A 203 -15.65 10.09 10.36
N VAL A 204 -14.69 10.64 9.63
CA VAL A 204 -14.05 11.89 10.03
C VAL A 204 -15.01 13.03 9.72
N ARG A 205 -15.25 13.89 10.71
CA ARG A 205 -16.25 14.93 10.54
C ARG A 205 -15.75 16.02 9.59
N ALA A 206 -14.51 16.47 9.79
CA ALA A 206 -14.01 17.60 9.03
C ALA A 206 -13.87 17.29 7.54
N THR A 207 -13.66 16.02 7.19
CA THR A 207 -13.44 15.62 5.81
C THR A 207 -14.57 14.80 5.21
N GLY A 208 -15.31 14.05 6.02
CA GLY A 208 -16.33 13.16 5.52
C GLY A 208 -15.84 11.79 5.12
N LYS A 209 -14.56 11.51 5.33
CA LYS A 209 -13.96 10.25 4.93
C LYS A 209 -14.45 9.10 5.81
N MET A 210 -14.70 7.95 5.19
CA MET A 210 -15.23 6.78 5.90
C MET A 210 -14.09 5.82 6.21
N TYR A 211 -14.06 5.32 7.45
CA TYR A 211 -13.08 4.35 7.88
C TYR A 211 -13.77 3.25 8.68
N ALA A 212 -13.08 2.13 8.83
CA ALA A 212 -13.44 1.08 9.78
C ALA A 212 -12.53 1.20 11.00
N CYS A 213 -13.11 1.22 12.20
CA CYS A 213 -12.35 1.42 13.42
C CYS A 213 -12.42 0.15 14.28
N LYS A 214 -11.25 -0.33 14.69
CA LYS A 214 -11.15 -1.49 15.58
C LYS A 214 -11.10 -0.98 17.01
N ARG A 215 -12.21 -1.16 17.74
CA ARG A 215 -12.33 -0.69 19.12
C ARG A 215 -11.85 -1.79 20.05
N LEU A 216 -10.69 -1.57 20.66
CA LEU A 216 -10.09 -2.52 21.58
C LEU A 216 -10.38 -2.08 23.01
N GLU A 217 -11.24 -2.81 23.71
CA GLU A 217 -11.59 -2.48 25.09
C GLU A 217 -10.38 -2.68 26.00
N LYS A 218 -10.08 -1.66 26.81
CA LYS A 218 -8.84 -1.66 27.58
C LYS A 218 -8.81 -2.78 28.60
N LYS A 219 -9.87 -2.93 29.39
CA LYS A 219 -9.86 -3.89 30.49
C LYS A 219 -9.48 -5.28 30.01
N ARG A 220 -9.99 -5.69 28.84
CA ARG A 220 -9.75 -7.04 28.34
C ARG A 220 -8.32 -7.26 27.85
N ILE A 221 -7.53 -6.20 27.73
CA ILE A 221 -6.17 -6.35 27.21
C ILE A 221 -5.15 -6.56 28.31
N LYS A 222 -5.47 -6.19 29.55
CA LYS A 222 -4.50 -6.21 30.63
C LYS A 222 -4.50 -7.52 31.40
N LYS A 223 -5.69 -8.07 31.71
CA LYS A 223 -5.75 -9.39 32.32
C LYS A 223 -5.22 -10.47 31.37
N ARG A 224 -5.29 -10.21 30.06
CA ARG A 224 -4.83 -11.18 29.07
C ARG A 224 -3.38 -10.98 28.66
N LYS A 225 -2.72 -9.94 29.16
CA LYS A 225 -1.35 -9.60 28.76
C LYS A 225 -1.27 -9.42 27.24
N GLY A 226 -1.94 -8.38 26.78
CA GLY A 226 -2.04 -8.12 25.36
C GLY A 226 -1.44 -6.79 24.94
N GLU A 227 -0.63 -6.19 25.80
CA GLU A 227 0.01 -4.92 25.46
C GLU A 227 0.97 -5.10 24.30
N SER A 228 1.88 -6.06 24.40
CA SER A 228 2.87 -6.26 23.34
C SER A 228 2.21 -6.62 22.02
N MET A 229 1.07 -7.31 22.07
CA MET A 229 0.41 -7.74 20.84
C MET A 229 -0.36 -6.60 20.19
N ALA A 230 -0.98 -5.73 21.00
CA ALA A 230 -1.72 -4.61 20.44
C ALA A 230 -0.78 -3.55 19.88
N LEU A 231 0.37 -3.36 20.53
CA LEU A 231 1.36 -2.41 20.02
C LEU A 231 2.11 -2.99 18.83
N ASN A 232 2.41 -4.29 18.86
CA ASN A 232 3.07 -4.92 17.73
C ASN A 232 2.20 -4.89 16.48
N GLU A 233 0.87 -4.92 16.66
CA GLU A 233 -0.04 -4.86 15.52
C GLU A 233 -0.22 -3.43 15.02
N LYS A 234 -0.33 -2.46 15.95
CA LYS A 234 -0.45 -1.07 15.54
C LYS A 234 0.77 -0.62 14.74
N GLN A 235 1.96 -1.04 15.17
CA GLN A 235 3.18 -0.63 14.49
C GLN A 235 3.27 -1.22 13.08
N ILE A 236 2.92 -2.49 12.93
CA ILE A 236 2.96 -3.11 11.61
C ILE A 236 1.96 -2.43 10.68
N LEU A 237 0.78 -2.09 11.19
CA LEU A 237 -0.24 -1.48 10.35
C LEU A 237 0.20 -0.12 9.83
N GLU A 238 0.82 0.70 10.69
CA GLU A 238 1.17 2.06 10.29
C GLU A 238 2.41 2.08 9.40
N LYS A 239 3.32 1.11 9.56
CA LYS A 239 4.59 1.15 8.86
C LYS A 239 4.49 0.65 7.41
N VAL A 240 3.52 -0.18 7.08
CA VAL A 240 3.36 -0.69 5.73
C VAL A 240 2.35 0.19 5.00
N ASN A 241 2.78 0.80 3.90
CA ASN A 241 1.91 1.55 3.01
C ASN A 241 1.77 0.73 1.73
N SER A 242 0.63 0.09 1.56
CA SER A 242 0.42 -0.82 0.44
C SER A 242 -1.01 -0.69 -0.06
N GLN A 243 -1.17 -0.72 -1.38
CA GLN A 243 -2.50 -0.71 -1.97
C GLN A 243 -3.29 -1.96 -1.61
N PHE A 244 -2.62 -3.02 -1.14
CA PHE A 244 -3.23 -4.34 -0.99
C PHE A 244 -3.18 -4.85 0.44
N VAL A 245 -2.96 -3.97 1.40
CA VAL A 245 -3.03 -4.29 2.82
C VAL A 245 -3.77 -3.15 3.51
N VAL A 246 -4.63 -3.49 4.49
CA VAL A 246 -5.34 -2.46 5.23
C VAL A 246 -4.33 -1.53 5.89
N ASN A 247 -4.52 -0.24 5.69
CA ASN A 247 -3.63 0.77 6.24
C ASN A 247 -4.20 1.37 7.52
N LEU A 248 -3.31 1.80 8.41
CA LEU A 248 -3.69 2.53 9.61
C LEU A 248 -3.70 4.02 9.29
N ALA A 249 -4.80 4.69 9.62
CA ALA A 249 -4.92 6.13 9.45
C ALA A 249 -4.91 6.91 10.75
N TYR A 250 -5.36 6.29 11.85
CA TYR A 250 -5.36 6.96 13.13
C TYR A 250 -5.22 5.92 14.24
N ALA A 251 -4.66 6.35 15.38
CA ALA A 251 -4.56 5.51 16.57
C ALA A 251 -4.76 6.45 17.76
N TYR A 252 -5.99 6.50 18.29
CA TYR A 252 -6.33 7.39 19.38
C TYR A 252 -6.81 6.59 20.59
N GLU A 253 -6.98 7.29 21.71
CA GLU A 253 -7.48 6.71 22.94
C GLU A 253 -8.80 7.36 23.33
N THR A 254 -9.68 6.56 23.92
CA THR A 254 -10.90 7.02 24.54
C THR A 254 -10.89 6.59 26.01
N LYS A 255 -11.70 7.28 26.81
CA LYS A 255 -11.89 6.86 28.20
C LYS A 255 -12.39 5.42 28.29
N ASP A 256 -12.86 4.84 27.17
CA ASP A 256 -13.48 3.52 27.20
C ASP A 256 -12.91 2.58 26.15
N ALA A 257 -11.76 2.88 25.57
CA ALA A 257 -11.13 1.96 24.63
C ALA A 257 -9.86 2.57 24.05
N LEU A 258 -9.15 1.77 23.26
CA LEU A 258 -8.02 2.22 22.42
C LEU A 258 -8.36 1.85 20.99
N CYS A 259 -8.53 2.85 20.13
CA CYS A 259 -9.09 2.63 18.80
C CYS A 259 -8.03 2.64 17.71
N LEU A 260 -8.20 1.73 16.74
CA LEU A 260 -7.46 1.73 15.50
C LEU A 260 -8.42 2.08 14.37
N VAL A 261 -8.01 3.02 13.51
CA VAL A 261 -8.83 3.45 12.37
C VAL A 261 -8.15 2.96 11.10
N LEU A 262 -8.84 2.11 10.35
CA LEU A 262 -8.22 1.41 9.23
C LEU A 262 -9.04 1.61 7.95
N THR A 263 -8.52 1.06 6.86
CA THR A 263 -9.23 1.11 5.58
C THR A 263 -10.55 0.36 5.68
N ILE A 264 -11.60 0.95 5.12
CA ILE A 264 -12.92 0.34 5.10
C ILE A 264 -13.02 -0.55 3.87
N MET A 265 -13.66 -1.71 4.03
CA MET A 265 -13.82 -2.68 2.95
C MET A 265 -15.25 -3.19 2.98
N ASN A 266 -16.01 -2.90 1.92
CA ASN A 266 -17.43 -3.20 1.88
C ASN A 266 -17.81 -4.23 0.83
N GLY A 267 -16.84 -4.73 0.07
CA GLY A 267 -17.13 -5.71 -0.97
C GLY A 267 -17.23 -7.15 -0.52
N GLY A 268 -17.20 -7.41 0.78
CA GLY A 268 -17.21 -8.76 1.28
C GLY A 268 -15.81 -9.37 1.29
N ASP A 269 -15.73 -10.61 1.79
CA ASP A 269 -14.47 -11.31 1.87
C ASP A 269 -14.42 -12.43 0.84
N LEU A 270 -13.20 -12.93 0.60
CA LEU A 270 -12.99 -13.87 -0.50
C LEU A 270 -13.62 -15.23 -0.22
N LYS A 271 -13.71 -15.63 1.05
CA LYS A 271 -14.40 -16.87 1.37
C LYS A 271 -15.84 -16.81 0.89
N PHE A 272 -16.53 -15.69 1.17
CA PHE A 272 -17.92 -15.55 0.74
C PHE A 272 -18.05 -15.65 -0.78
N HIS A 273 -17.06 -15.15 -1.52
CA HIS A 273 -17.14 -15.17 -2.97
C HIS A 273 -16.68 -16.49 -3.57
N ILE A 274 -15.86 -17.26 -2.85
CA ILE A 274 -15.46 -18.57 -3.37
C ILE A 274 -16.61 -19.55 -3.24
N TYR A 275 -17.37 -19.49 -2.14
CA TYR A 275 -18.34 -20.53 -1.82
C TYR A 275 -19.78 -20.12 -2.05
N ASN A 276 -20.16 -18.88 -1.76
CA ASN A 276 -21.55 -18.47 -1.94
C ASN A 276 -21.80 -17.86 -3.32
N MET A 277 -20.85 -17.08 -3.84
CA MET A 277 -21.01 -16.45 -5.13
C MET A 277 -20.33 -17.22 -6.27
N GLY A 278 -19.44 -18.15 -5.96
CA GLY A 278 -18.78 -18.96 -6.98
C GLY A 278 -19.58 -20.20 -7.33
N ASN A 279 -18.95 -21.08 -8.13
CA ASN A 279 -19.44 -22.45 -8.25
C ASN A 279 -19.56 -22.87 -6.79
N PRO A 280 -18.67 -23.69 -6.31
CA PRO A 280 -17.82 -23.25 -5.19
C PRO A 280 -16.44 -23.02 -5.80
N GLY A 281 -16.12 -21.77 -6.16
CA GLY A 281 -14.84 -21.50 -6.79
C GLY A 281 -14.87 -20.55 -7.96
N PHE A 282 -13.68 -20.19 -8.47
CA PHE A 282 -13.54 -19.20 -9.52
C PHE A 282 -12.91 -19.81 -10.77
N GLU A 283 -13.15 -19.17 -11.91
CA GLU A 283 -12.35 -19.44 -13.10
C GLU A 283 -10.91 -19.08 -12.82
N GLU A 284 -9.98 -19.72 -13.55
CA GLU A 284 -8.57 -19.51 -13.30
C GLU A 284 -8.19 -18.03 -13.46
N GLU A 285 -8.64 -17.41 -14.55
CA GLU A 285 -8.30 -16.00 -14.78
C GLU A 285 -8.76 -15.13 -13.61
N ARG A 286 -9.97 -15.37 -13.10
CA ARG A 286 -10.44 -14.58 -11.96
C ARG A 286 -9.57 -14.83 -10.74
N ALA A 287 -9.23 -16.10 -10.48
CA ALA A 287 -8.33 -16.40 -9.37
C ALA A 287 -6.96 -15.77 -9.58
N LEU A 288 -6.51 -15.69 -10.83
CA LEU A 288 -5.20 -15.12 -11.12
C LEU A 288 -5.12 -13.67 -10.69
N PHE A 289 -6.16 -12.89 -10.96
CA PHE A 289 -6.16 -11.48 -10.60
C PHE A 289 -6.04 -11.30 -9.09
N TYR A 290 -6.83 -12.07 -8.33
CA TYR A 290 -6.77 -11.97 -6.88
C TYR A 290 -5.42 -12.43 -6.35
N ALA A 291 -4.87 -13.51 -6.91
CA ALA A 291 -3.57 -13.99 -6.46
C ALA A 291 -2.48 -12.94 -6.72
N ALA A 292 -2.55 -12.26 -7.86
CA ALA A 292 -1.57 -11.22 -8.18
C ALA A 292 -1.63 -10.09 -7.17
N GLU A 293 -2.85 -9.68 -6.78
CA GLU A 293 -2.96 -8.62 -5.79
C GLU A 293 -2.54 -9.10 -4.40
N ILE A 294 -2.84 -10.35 -4.06
CA ILE A 294 -2.40 -10.89 -2.77
C ILE A 294 -0.88 -11.01 -2.74
N LEU A 295 -0.28 -11.33 -3.88
CA LEU A 295 1.18 -11.42 -3.93
C LEU A 295 1.83 -10.06 -3.73
N CYS A 296 1.26 -9.03 -4.35
CA CYS A 296 1.79 -7.68 -4.16
C CYS A 296 1.64 -7.23 -2.72
N GLY A 297 0.52 -7.57 -2.09
CA GLY A 297 0.35 -7.25 -0.67
C GLY A 297 1.41 -7.90 0.18
N LEU A 298 1.68 -9.19 -0.05
CA LEU A 298 2.72 -9.88 0.71
C LEU A 298 4.10 -9.28 0.45
N GLU A 299 4.33 -8.78 -0.77
CA GLU A 299 5.61 -8.15 -1.08
C GLU A 299 5.80 -6.88 -0.26
N ASP A 300 4.74 -6.07 -0.13
CA ASP A 300 4.84 -4.84 0.64
C ASP A 300 5.08 -5.12 2.11
N LEU A 301 4.53 -6.23 2.62
CA LEU A 301 4.81 -6.61 4.01
C LEU A 301 6.24 -7.11 4.16
N HIS A 302 6.71 -7.91 3.21
CA HIS A 302 8.07 -8.46 3.29
C HIS A 302 9.13 -7.39 3.11
N ARG A 303 8.82 -6.27 2.45
CA ARG A 303 9.76 -5.17 2.39
C ARG A 303 10.08 -4.64 3.78
N GLU A 304 9.11 -4.66 4.70
CA GLU A 304 9.35 -4.38 6.10
C GLU A 304 9.75 -5.64 6.87
N ASN A 305 10.15 -6.69 6.17
CA ASN A 305 10.51 -7.98 6.77
C ASN A 305 9.53 -8.37 7.87
N THR A 306 8.24 -8.26 7.53
CA THR A 306 7.15 -8.64 8.41
C THR A 306 6.43 -9.84 7.79
N VAL A 307 6.24 -10.89 8.58
CA VAL A 307 5.54 -12.09 8.15
C VAL A 307 4.10 -12.02 8.62
N TYR A 308 3.17 -12.52 7.79
CA TYR A 308 1.74 -12.35 8.02
C TYR A 308 1.12 -13.51 8.78
N ARG A 309 1.35 -14.73 8.31
CA ARG A 309 1.01 -16.00 8.96
C ARG A 309 -0.48 -16.28 9.08
N ASN A 310 -1.35 -15.40 8.58
CA ASN A 310 -2.79 -15.54 8.76
C ASN A 310 -3.52 -15.56 7.43
N LEU A 311 -2.91 -16.15 6.40
CA LEU A 311 -3.43 -16.08 5.03
C LEU A 311 -4.50 -17.14 4.84
N LYS A 312 -5.76 -16.70 4.84
CA LYS A 312 -6.93 -17.56 4.68
C LYS A 312 -7.99 -16.78 3.93
N PRO A 313 -8.87 -17.45 3.18
CA PRO A 313 -9.78 -16.70 2.29
C PRO A 313 -10.58 -15.61 2.98
N GLU A 314 -11.04 -15.84 4.20
CA GLU A 314 -11.89 -14.85 4.87
C GLU A 314 -11.10 -13.65 5.36
N ASN A 315 -9.77 -13.65 5.24
CA ASN A 315 -8.97 -12.48 5.58
C ASN A 315 -8.62 -11.64 4.35
N ILE A 316 -9.02 -12.08 3.16
CA ILE A 316 -8.87 -11.28 1.95
C ILE A 316 -10.19 -10.55 1.72
N LEU A 317 -10.19 -9.24 1.86
CA LEU A 317 -11.40 -8.44 1.74
C LEU A 317 -11.42 -7.72 0.40
N LEU A 318 -12.63 -7.45 -0.10
CA LEU A 318 -12.83 -6.66 -1.30
C LEU A 318 -13.29 -5.26 -0.93
N ASP A 319 -12.86 -4.26 -1.70
CA ASP A 319 -13.31 -2.90 -1.49
C ASP A 319 -14.50 -2.62 -2.39
N ASP A 320 -14.90 -1.34 -2.52
CA ASP A 320 -16.06 -0.99 -3.32
C ASP A 320 -15.81 -1.12 -4.82
N TYR A 321 -14.55 -1.18 -5.24
CA TYR A 321 -14.20 -1.28 -6.66
C TYR A 321 -13.90 -2.70 -7.11
N GLY A 322 -13.88 -3.65 -6.19
CA GLY A 322 -13.52 -5.02 -6.52
C GLY A 322 -12.08 -5.38 -6.29
N HIS A 323 -11.25 -4.44 -5.84
CA HIS A 323 -9.87 -4.76 -5.48
C HIS A 323 -9.85 -5.33 -4.07
N ILE A 324 -8.77 -6.04 -3.77
CA ILE A 324 -8.64 -6.73 -2.49
C ILE A 324 -7.56 -6.06 -1.65
N ARG A 325 -7.60 -6.36 -0.35
CA ARG A 325 -6.53 -6.05 0.58
C ARG A 325 -6.44 -7.18 1.59
N ILE A 326 -5.23 -7.41 2.09
CA ILE A 326 -5.01 -8.34 3.20
C ILE A 326 -5.40 -7.63 4.49
N SER A 327 -6.17 -8.32 5.33
CA SER A 327 -6.64 -7.76 6.59
C SER A 327 -6.32 -8.72 7.73
N ASP A 328 -6.52 -8.23 8.95
CA ASP A 328 -6.31 -8.99 10.17
C ASP A 328 -4.83 -9.37 10.32
N LEU A 329 -4.01 -8.38 10.66
CA LEU A 329 -2.59 -8.56 10.91
C LEU A 329 -2.29 -8.89 12.36
N GLY A 330 -3.30 -9.30 13.14
CA GLY A 330 -3.08 -9.55 14.55
C GLY A 330 -2.01 -10.60 14.81
N LEU A 331 -1.90 -11.60 13.94
CA LEU A 331 -0.89 -12.63 14.06
C LEU A 331 0.38 -12.31 13.28
N ALA A 332 0.53 -11.08 12.79
CA ALA A 332 1.73 -10.69 12.10
C ALA A 332 2.86 -10.39 13.09
N VAL A 333 4.09 -10.37 12.59
CA VAL A 333 5.26 -10.11 13.42
C VAL A 333 6.40 -9.69 12.52
N LYS A 334 7.16 -8.70 12.99
CA LYS A 334 8.33 -8.22 12.26
C LYS A 334 9.54 -9.08 12.60
N ILE A 335 10.18 -9.61 11.56
CA ILE A 335 11.38 -10.43 11.70
C ILE A 335 12.61 -9.53 11.55
N PRO A 336 13.54 -9.54 12.51
CA PRO A 336 14.81 -8.82 12.29
C PRO A 336 15.58 -9.42 11.12
N GLU A 337 16.05 -8.54 10.23
CA GLU A 337 16.71 -9.00 9.01
C GLU A 337 17.83 -9.98 9.32
N GLY A 338 17.73 -11.17 8.74
CA GLY A 338 18.71 -12.21 8.94
C GLY A 338 18.40 -13.19 10.05
N ASP A 339 17.20 -13.13 10.62
CA ASP A 339 16.83 -13.93 11.78
C ASP A 339 15.59 -14.77 11.46
N LEU A 340 15.33 -15.72 12.35
CA LEU A 340 14.16 -16.57 12.29
C LEU A 340 13.34 -16.40 13.56
N ILE A 341 12.14 -16.98 13.55
CA ILE A 341 11.23 -16.88 14.69
C ILE A 341 10.54 -18.23 14.88
N ARG A 342 9.88 -18.38 16.02
CA ARG A 342 9.06 -19.53 16.31
C ARG A 342 7.65 -19.09 16.64
N GLY A 343 6.69 -19.98 16.40
CA GLY A 343 5.31 -19.71 16.72
C GLY A 343 4.35 -20.63 16.00
N ARG A 344 3.76 -21.59 16.72
CA ARG A 344 2.71 -22.42 16.16
C ARG A 344 1.40 -21.65 16.32
N VAL A 345 1.14 -20.75 15.36
CA VAL A 345 -0.07 -19.95 15.35
C VAL A 345 -0.69 -20.05 13.96
N GLY A 346 -1.91 -19.51 13.84
CA GLY A 346 -2.66 -19.52 12.61
C GLY A 346 -3.96 -20.28 12.77
N THR A 347 -4.42 -20.86 11.65
CA THR A 347 -5.69 -21.57 11.59
C THR A 347 -5.47 -22.96 11.00
N VAL A 348 -6.27 -23.91 11.47
CA VAL A 348 -6.12 -25.29 11.01
C VAL A 348 -6.29 -25.33 9.50
N GLY A 349 -5.40 -26.08 8.83
CA GLY A 349 -5.43 -26.22 7.40
C GLY A 349 -4.56 -25.22 6.66
N TYR A 350 -4.41 -24.03 7.21
CA TYR A 350 -3.62 -22.97 6.59
C TYR A 350 -2.32 -22.71 7.34
N MET A 351 -1.75 -23.74 7.95
CA MET A 351 -0.47 -23.63 8.65
C MET A 351 0.59 -24.39 7.84
N ALA A 352 1.68 -23.71 7.53
CA ALA A 352 2.77 -24.36 6.80
C ALA A 352 3.40 -25.46 7.65
N PRO A 353 4.01 -26.45 7.01
CA PRO A 353 4.58 -27.56 7.80
C PRO A 353 5.66 -27.13 8.78
N GLU A 354 6.39 -26.05 8.48
CA GLU A 354 7.37 -25.53 9.43
C GLU A 354 6.70 -24.86 10.63
N VAL A 355 5.46 -24.43 10.48
CA VAL A 355 4.71 -23.88 11.61
C VAL A 355 4.14 -25.01 12.46
N LEU A 356 3.56 -26.03 11.81
CA LEU A 356 3.01 -27.15 12.56
C LEU A 356 4.07 -27.86 13.38
N ASN A 357 5.30 -27.93 12.87
CA ASN A 357 6.40 -28.58 13.56
C ASN A 357 7.10 -27.64 14.54
N ASN A 358 6.65 -26.39 14.63
CA ASN A 358 7.21 -25.40 15.55
C ASN A 358 8.72 -25.27 15.36
N GLN A 359 9.09 -24.93 14.14
CA GLN A 359 10.48 -24.73 13.77
C GLN A 359 10.79 -23.25 13.63
N ARG A 360 12.08 -22.93 13.60
CA ARG A 360 12.51 -21.56 13.30
C ARG A 360 12.27 -21.30 11.81
N TYR A 361 11.37 -20.37 11.50
CA TYR A 361 11.01 -20.08 10.13
C TYR A 361 11.11 -18.57 9.88
N GLY A 362 11.10 -18.21 8.60
CA GLY A 362 11.13 -16.81 8.21
C GLY A 362 9.83 -16.38 7.58
N LEU A 363 9.88 -15.88 6.35
CA LEU A 363 8.68 -15.44 5.64
C LEU A 363 7.97 -16.58 4.94
N SER A 364 8.50 -17.81 5.03
CA SER A 364 7.99 -18.89 4.19
C SER A 364 6.54 -19.28 4.46
N PRO A 365 5.97 -19.11 5.65
CA PRO A 365 4.56 -19.48 5.83
C PRO A 365 3.60 -18.71 4.91
N ASP A 366 3.99 -17.52 4.44
CA ASP A 366 3.11 -16.71 3.62
C ASP A 366 3.03 -17.20 2.18
N TYR A 367 4.10 -17.82 1.66
CA TYR A 367 4.03 -18.40 0.32
C TYR A 367 3.33 -19.75 0.34
N TRP A 368 3.46 -20.50 1.44
CA TRP A 368 2.57 -21.65 1.63
C TRP A 368 1.12 -21.20 1.64
N GLY A 369 0.84 -20.04 2.24
CA GLY A 369 -0.51 -19.54 2.30
C GLY A 369 -1.03 -19.04 0.96
N LEU A 370 -0.14 -18.50 0.13
CA LEU A 370 -0.52 -18.17 -1.24
C LEU A 370 -0.86 -19.43 -2.02
N GLY A 371 -0.08 -20.50 -1.82
CA GLY A 371 -0.41 -21.77 -2.44
C GLY A 371 -1.81 -22.23 -2.10
N CYS A 372 -2.13 -22.25 -0.80
CA CYS A 372 -3.45 -22.68 -0.36
C CYS A 372 -4.53 -21.79 -0.98
N LEU A 373 -4.26 -20.50 -1.11
CA LEU A 373 -5.27 -19.57 -1.60
C LEU A 373 -5.53 -19.75 -3.09
N ILE A 374 -4.47 -19.95 -3.88
CA ILE A 374 -4.67 -20.15 -5.31
C ILE A 374 -5.38 -21.47 -5.55
N TYR A 375 -4.94 -22.54 -4.88
CA TYR A 375 -5.63 -23.82 -4.98
C TYR A 375 -7.11 -23.68 -4.65
N GLU A 376 -7.42 -23.02 -3.52
CA GLU A 376 -8.80 -22.97 -3.05
C GLU A 376 -9.67 -22.11 -3.95
N MET A 377 -9.11 -21.07 -4.58
CA MET A 377 -9.90 -20.25 -5.49
C MET A 377 -10.26 -21.03 -6.75
N ILE A 378 -9.32 -21.82 -7.26
CA ILE A 378 -9.56 -22.55 -8.51
C ILE A 378 -10.46 -23.77 -8.24
N GLU A 379 -10.08 -24.58 -7.25
CA GLU A 379 -10.75 -25.87 -7.04
C GLU A 379 -12.00 -25.78 -6.19
N GLY A 380 -12.12 -24.76 -5.35
CA GLY A 380 -13.29 -24.64 -4.50
C GLY A 380 -13.21 -25.42 -3.20
N GLN A 381 -12.01 -25.78 -2.77
CA GLN A 381 -11.81 -26.46 -1.49
C GLN A 381 -10.32 -26.48 -1.17
N SER A 382 -10.02 -26.60 0.11
CA SER A 382 -8.63 -26.63 0.57
C SER A 382 -7.90 -27.82 -0.04
N PRO A 383 -6.59 -27.71 -0.28
CA PRO A 383 -5.87 -28.83 -0.89
C PRO A 383 -5.73 -30.06 0.02
N PHE A 384 -6.10 -29.96 1.30
CA PHE A 384 -5.93 -31.08 2.23
C PHE A 384 -7.22 -31.39 2.99
N ARG A 385 -8.35 -30.82 2.58
CA ARG A 385 -9.63 -31.08 3.25
C ARG A 385 -10.73 -30.83 2.24
N GLY A 386 -11.39 -31.90 1.81
CA GLY A 386 -12.54 -31.72 0.93
C GLY A 386 -13.61 -30.85 1.57
N ARG A 387 -14.32 -30.10 0.73
CA ARG A 387 -15.45 -29.32 1.23
C ARG A 387 -16.47 -30.22 1.92
N LYS A 388 -16.52 -31.49 1.51
CA LYS A 388 -17.52 -32.43 1.99
C LYS A 388 -16.93 -33.54 2.88
N GLU A 389 -15.72 -33.34 3.37
CA GLU A 389 -15.08 -34.30 4.26
C GLU A 389 -15.31 -33.88 5.71
N LYS A 390 -15.59 -34.87 6.56
CA LYS A 390 -15.68 -34.70 8.01
C LYS A 390 -14.37 -35.31 8.56
N VAL A 391 -13.35 -34.46 8.68
CA VAL A 391 -12.03 -34.90 9.13
C VAL A 391 -11.68 -34.13 10.39
N LYS A 392 -10.77 -34.72 11.18
CA LYS A 392 -10.32 -34.16 12.43
C LYS A 392 -9.10 -33.28 12.22
N ARG A 393 -8.84 -32.41 13.19
CA ARG A 393 -7.67 -31.54 13.13
C ARG A 393 -6.40 -32.33 12.84
N GLU A 394 -6.33 -33.57 13.32
CA GLU A 394 -5.09 -34.33 13.25
C GLU A 394 -4.81 -34.84 11.84
N GLU A 395 -5.83 -35.39 11.18
CA GLU A 395 -5.65 -35.88 9.81
C GLU A 395 -5.33 -34.73 8.86
N VAL A 396 -5.96 -33.58 9.06
CA VAL A 396 -5.63 -32.40 8.26
C VAL A 396 -4.14 -32.08 8.39
N ASP A 397 -3.63 -32.09 9.63
CA ASP A 397 -2.23 -31.79 9.86
C ASP A 397 -1.32 -32.86 9.25
N ARG A 398 -1.69 -34.14 9.39
CA ARG A 398 -0.93 -35.20 8.76
C ARG A 398 -0.90 -35.01 7.24
N ARG A 399 -2.03 -34.59 6.65
CA ARG A 399 -2.06 -34.38 5.21
C ARG A 399 -1.11 -33.25 4.80
N VAL A 400 -1.11 -32.14 5.56
CA VAL A 400 -0.22 -31.02 5.26
C VAL A 400 1.25 -31.41 5.33
N LEU A 401 1.59 -32.46 6.07
CA LEU A 401 2.98 -32.83 6.29
C LEU A 401 3.46 -33.98 5.40
N GLU A 402 2.54 -34.78 4.85
CA GLU A 402 2.94 -36.01 4.18
C GLU A 402 2.34 -36.19 2.80
N THR A 403 1.07 -35.85 2.61
CA THR A 403 0.39 -36.16 1.37
C THR A 403 0.64 -35.06 0.33
N GLU A 404 0.59 -35.45 -0.93
CA GLU A 404 0.80 -34.55 -2.05
C GLU A 404 -0.56 -34.22 -2.67
N GLU A 405 -1.02 -32.99 -2.46
CA GLU A 405 -2.30 -32.54 -3.02
C GLU A 405 -2.39 -32.90 -4.49
N VAL A 406 -3.59 -33.31 -4.90
CA VAL A 406 -3.86 -33.68 -6.27
C VAL A 406 -4.67 -32.57 -6.93
N TYR A 407 -4.52 -32.42 -8.23
CA TYR A 407 -5.16 -31.35 -8.99
C TYR A 407 -6.20 -31.93 -9.94
N SER A 408 -6.89 -31.02 -10.62
CA SER A 408 -7.94 -31.39 -11.56
C SER A 408 -7.78 -30.55 -12.83
N HIS A 409 -8.72 -30.74 -13.76
CA HIS A 409 -8.70 -30.02 -15.03
C HIS A 409 -9.07 -28.56 -14.89
N LYS A 410 -9.55 -28.12 -13.72
CA LYS A 410 -9.74 -26.69 -13.50
C LYS A 410 -8.42 -25.95 -13.53
N PHE A 411 -7.31 -26.66 -13.31
CA PHE A 411 -5.98 -26.07 -13.29
C PHE A 411 -5.29 -26.24 -14.65
N SER A 412 -4.81 -25.14 -15.22
CA SER A 412 -3.87 -25.23 -16.32
C SER A 412 -2.54 -25.78 -15.81
N GLU A 413 -1.68 -26.20 -16.75
CA GLU A 413 -0.36 -26.66 -16.36
C GLU A 413 0.38 -25.60 -15.56
N GLU A 414 0.26 -24.33 -15.96
CA GLU A 414 0.94 -23.26 -15.25
C GLU A 414 0.38 -23.11 -13.84
N ALA A 415 -0.93 -23.29 -13.67
CA ALA A 415 -1.53 -23.18 -12.35
C ALA A 415 -1.10 -24.34 -11.45
N LYS A 416 -1.09 -25.56 -11.99
CA LYS A 416 -0.52 -26.69 -11.27
C LYS A 416 0.90 -26.38 -10.81
N SER A 417 1.70 -25.81 -11.72
CA SER A 417 3.11 -25.56 -11.41
C SER A 417 3.24 -24.64 -10.22
N ILE A 418 2.62 -23.45 -10.28
CA ILE A 418 2.82 -22.47 -9.22
C ILE A 418 2.26 -22.99 -7.90
N CYS A 419 1.13 -23.69 -7.94
CA CYS A 419 0.51 -24.14 -6.70
C CYS A 419 1.38 -25.17 -5.99
N LYS A 420 1.88 -26.17 -6.72
CA LYS A 420 2.68 -27.21 -6.09
C LYS A 420 4.10 -26.75 -5.77
N MET A 421 4.53 -25.61 -6.31
CA MET A 421 5.79 -25.02 -5.90
C MET A 421 5.64 -24.15 -4.67
N LEU A 422 4.51 -23.45 -4.54
CA LEU A 422 4.21 -22.71 -3.32
C LEU A 422 3.86 -23.67 -2.19
N LEU A 423 3.34 -24.85 -2.51
CA LEU A 423 3.00 -25.86 -1.52
C LEU A 423 4.10 -26.91 -1.37
N THR A 424 5.35 -26.52 -1.63
CA THR A 424 6.48 -27.38 -1.36
C THR A 424 6.73 -27.46 0.14
N LYS A 425 6.67 -28.67 0.70
CA LYS A 425 6.72 -28.82 2.15
C LYS A 425 8.06 -28.35 2.72
N ASP A 426 9.15 -28.56 1.99
CA ASP A 426 10.47 -28.11 2.43
C ASP A 426 10.59 -26.61 2.15
N ALA A 427 10.52 -25.79 3.20
CA ALA A 427 10.50 -24.34 3.02
C ALA A 427 11.77 -23.81 2.34
N LYS A 428 12.80 -24.63 2.18
CA LYS A 428 14.02 -24.18 1.51
C LYS A 428 13.93 -24.30 0.00
N GLN A 429 13.00 -25.11 -0.51
CA GLN A 429 12.78 -25.28 -1.94
C GLN A 429 11.46 -24.69 -2.40
N ARG A 430 10.87 -23.80 -1.61
CA ARG A 430 9.56 -23.24 -1.89
C ARG A 430 9.71 -21.93 -2.66
N LEU A 431 8.80 -21.68 -3.59
CA LEU A 431 8.85 -20.48 -4.41
C LEU A 431 8.83 -19.24 -3.53
N GLY A 432 9.69 -18.29 -3.84
CA GLY A 432 9.75 -17.03 -3.13
C GLY A 432 10.44 -17.06 -1.79
N CYS A 433 10.65 -18.24 -1.23
CA CYS A 433 11.37 -18.39 0.04
C CYS A 433 12.87 -18.40 -0.16
N GLN A 434 13.34 -18.07 -1.35
CA GLN A 434 14.75 -17.96 -1.63
C GLN A 434 15.20 -16.50 -1.43
N GLU A 435 16.31 -16.13 -2.07
CA GLU A 435 16.85 -14.78 -1.89
C GLU A 435 16.09 -13.77 -2.75
N GLU A 436 15.71 -14.17 -3.98
CA GLU A 436 15.04 -13.23 -4.87
C GLU A 436 13.74 -12.71 -4.26
N GLY A 437 13.03 -13.57 -3.53
CA GLY A 437 11.82 -13.16 -2.85
C GLY A 437 10.59 -13.24 -3.73
N ALA A 438 9.73 -12.23 -3.63
CA ALA A 438 8.48 -12.24 -4.40
C ALA A 438 8.72 -12.09 -5.89
N ALA A 439 9.85 -11.52 -6.30
CA ALA A 439 10.15 -11.43 -7.73
C ALA A 439 10.23 -12.82 -8.35
N GLU A 440 10.72 -13.81 -7.62
CA GLU A 440 10.76 -15.18 -8.11
C GLU A 440 9.36 -15.71 -8.42
N VAL A 441 8.33 -15.15 -7.78
CA VAL A 441 6.97 -15.63 -7.97
C VAL A 441 6.28 -14.89 -9.11
N LYS A 442 6.56 -13.60 -9.28
CA LYS A 442 5.93 -12.83 -10.36
C LYS A 442 6.38 -13.33 -11.72
N ARG A 443 7.58 -13.89 -11.81
CA ARG A 443 8.09 -14.42 -13.07
C ARG A 443 7.49 -15.76 -13.43
N HIS A 444 6.81 -16.42 -12.51
CA HIS A 444 6.31 -17.78 -12.77
C HIS A 444 5.37 -17.76 -13.96
N PRO A 445 5.39 -18.79 -14.81
CA PRO A 445 4.53 -18.79 -15.99
C PRO A 445 3.05 -18.61 -15.68
N PHE A 446 2.65 -18.87 -14.42
CA PHE A 446 1.25 -18.68 -14.05
C PHE A 446 0.82 -17.21 -14.20
N PHE A 447 1.74 -16.28 -13.97
CA PHE A 447 1.49 -14.85 -14.18
C PHE A 447 2.05 -14.37 -15.52
N ARG A 448 2.19 -15.26 -16.51
CA ARG A 448 2.80 -14.87 -17.77
C ARG A 448 2.01 -13.80 -18.49
N ASN A 449 0.69 -13.79 -18.35
CA ASN A 449 -0.17 -12.80 -18.99
C ASN A 449 -0.57 -11.68 -18.03
N MET A 450 0.16 -11.50 -16.93
CA MET A 450 -0.16 -10.49 -15.92
C MET A 450 0.92 -9.41 -15.93
N ASN A 451 0.52 -8.18 -16.20
CA ASN A 451 1.42 -7.02 -16.21
C ASN A 451 1.31 -6.35 -14.84
N PHE A 452 2.23 -6.69 -13.95
CA PHE A 452 2.15 -6.18 -12.59
C PHE A 452 2.21 -4.66 -12.57
N LYS A 453 3.08 -4.06 -13.39
CA LYS A 453 3.19 -2.60 -13.43
C LYS A 453 1.82 -1.96 -13.57
N ARG A 454 0.94 -2.54 -14.40
CA ARG A 454 -0.40 -1.99 -14.58
C ARG A 454 -1.32 -2.37 -13.42
N LEU A 455 -1.08 -3.53 -12.79
CA LEU A 455 -1.87 -3.90 -11.62
C LEU A 455 -1.58 -2.98 -10.44
N GLU A 456 -0.29 -2.72 -10.17
CA GLU A 456 0.06 -1.86 -9.05
C GLU A 456 -0.46 -0.45 -9.25
N ALA A 457 -0.74 -0.06 -10.50
CA ALA A 457 -1.26 1.26 -10.83
C ALA A 457 -2.79 1.30 -10.89
N GLY A 458 -3.46 0.19 -10.62
CA GLY A 458 -4.91 0.17 -10.69
C GLY A 458 -5.47 0.20 -12.08
N MET A 459 -4.66 -0.08 -13.10
CA MET A 459 -5.09 0.01 -14.48
C MET A 459 -5.96 -1.17 -14.92
N LEU A 460 -5.88 -2.31 -14.23
CA LEU A 460 -6.63 -3.50 -14.62
C LEU A 460 -7.98 -3.54 -13.91
N ASP A 461 -9.04 -3.82 -14.67
CA ASP A 461 -10.37 -3.90 -14.09
C ASP A 461 -10.52 -5.19 -13.30
N PRO A 462 -10.96 -5.13 -12.04
CA PRO A 462 -11.23 -6.37 -11.30
C PRO A 462 -12.29 -7.21 -12.01
N PRO A 463 -12.37 -8.51 -11.70
CA PRO A 463 -13.37 -9.35 -12.37
C PRO A 463 -14.76 -9.22 -11.79
N PHE A 464 -14.91 -8.70 -10.57
CA PHE A 464 -16.20 -8.56 -9.93
C PHE A 464 -16.24 -7.24 -9.17
N VAL A 465 -17.29 -6.47 -9.39
CA VAL A 465 -17.46 -5.16 -8.77
C VAL A 465 -18.66 -5.24 -7.82
N PRO A 466 -18.45 -5.14 -6.50
CA PRO A 466 -19.60 -5.14 -5.58
C PRO A 466 -20.54 -3.99 -5.89
N ASP A 467 -21.84 -4.29 -5.91
CA ASP A 467 -22.83 -3.24 -6.12
C ASP A 467 -22.77 -2.25 -4.96
N PRO A 468 -22.88 -0.95 -5.22
CA PRO A 468 -22.78 0.02 -4.11
C PRO A 468 -23.73 -0.26 -2.97
N ARG A 469 -25.02 -0.39 -3.25
CA ARG A 469 -26.04 -0.55 -2.21
C ARG A 469 -25.96 -1.89 -1.49
N ALA A 470 -25.03 -2.76 -1.86
CA ALA A 470 -24.98 -4.10 -1.31
C ALA A 470 -24.39 -4.09 0.11
N VAL A 471 -24.59 -5.21 0.80
CA VAL A 471 -24.05 -5.41 2.15
C VAL A 471 -23.54 -6.83 2.26
N TYR A 472 -22.42 -7.12 1.59
CA TYR A 472 -21.85 -8.47 1.57
C TYR A 472 -21.29 -8.84 2.95
N LEU A 490 -5.53 0.61 36.53
CA LEU A 490 -5.25 1.99 36.14
C LEU A 490 -3.83 2.39 36.54
N ASP A 491 -2.96 1.40 36.67
CA ASP A 491 -1.56 1.66 36.98
C ASP A 491 -0.96 2.61 35.95
N HIS A 492 0.11 3.29 36.35
CA HIS A 492 0.79 4.21 35.46
C HIS A 492 1.57 3.47 34.37
N THR A 493 1.89 2.20 34.58
CA THR A 493 2.51 1.42 33.52
C THR A 493 1.59 1.33 32.31
N ASP A 494 0.28 1.26 32.54
CA ASP A 494 -0.68 1.34 31.45
C ASP A 494 -0.57 2.68 30.73
N ASP A 495 -0.37 3.76 31.49
CA ASP A 495 -0.30 5.09 30.89
C ASP A 495 0.88 5.20 29.92
N ASP A 496 1.96 4.45 30.15
CA ASP A 496 3.09 4.49 29.23
C ASP A 496 2.79 3.70 27.96
N PHE A 497 2.24 2.49 28.12
CA PHE A 497 1.79 1.73 26.95
C PHE A 497 0.72 2.51 26.18
N TYR A 498 -0.15 3.22 26.90
CA TYR A 498 -1.18 4.03 26.25
C TYR A 498 -0.56 5.14 25.40
N SER A 499 0.47 5.82 25.93
CA SER A 499 1.06 6.93 25.20
C SER A 499 1.82 6.45 23.97
N LYS A 500 2.39 5.25 24.02
CA LYS A 500 3.05 4.70 22.84
C LYS A 500 2.05 4.30 21.77
N PHE A 501 0.83 3.92 22.17
CA PHE A 501 -0.18 3.48 21.21
C PHE A 501 -0.88 4.68 20.56
N SER A 502 -1.33 5.64 21.37
CA SER A 502 -2.13 6.76 20.88
C SER A 502 -1.23 7.83 20.24
N THR A 503 -0.57 7.43 19.15
CA THR A 503 0.36 8.32 18.47
C THR A 503 -0.32 9.34 17.57
N GLY A 504 -1.61 9.19 17.32
CA GLY A 504 -2.33 10.15 16.49
C GLY A 504 -2.45 9.74 15.05
N SER A 505 -2.59 10.71 14.15
CA SER A 505 -2.84 10.41 12.75
C SER A 505 -1.57 9.96 12.04
N VAL A 506 -1.73 8.99 11.14
CA VAL A 506 -0.60 8.48 10.37
C VAL A 506 -0.40 9.38 9.15
N SER A 507 0.86 9.60 8.80
CA SER A 507 1.21 10.74 7.95
C SER A 507 0.68 10.56 6.53
N ILE A 508 1.05 9.48 5.86
CA ILE A 508 0.71 9.32 4.45
C ILE A 508 -0.79 9.10 4.29
N PRO A 509 -1.43 8.26 5.11
CA PRO A 509 -2.89 8.10 4.96
C PRO A 509 -3.68 9.36 5.27
N TRP A 510 -3.18 10.20 6.19
CA TRP A 510 -3.87 11.45 6.52
C TRP A 510 -3.77 12.44 5.36
N GLN A 511 -2.61 12.53 4.72
CA GLN A 511 -2.48 13.41 3.56
C GLN A 511 -3.32 12.89 2.39
N ASN A 512 -3.34 11.57 2.18
CA ASN A 512 -4.21 11.00 1.16
C ASN A 512 -5.67 11.27 1.46
N GLU A 513 -6.06 11.30 2.73
CA GLU A 513 -7.43 11.64 3.07
C GLU A 513 -7.75 13.08 2.69
N MET A 514 -6.82 14.00 2.92
CA MET A 514 -7.05 15.40 2.59
C MET A 514 -7.22 15.60 1.09
N ILE A 515 -6.59 14.74 0.28
CA ILE A 515 -6.62 14.93 -1.17
C ILE A 515 -7.89 14.32 -1.76
N GLU A 516 -8.28 13.13 -1.29
CA GLU A 516 -9.46 12.48 -1.83
C GLU A 516 -10.72 13.31 -1.57
N THR A 517 -10.87 13.80 -0.34
CA THR A 517 -12.05 14.56 0.05
C THR A 517 -12.06 15.98 -0.49
N GLU A 518 -11.03 16.37 -1.25
CA GLU A 518 -10.90 17.69 -1.85
C GLU A 518 -10.70 18.80 -0.83
N CYS A 519 -10.37 18.46 0.43
CA CYS A 519 -10.01 19.49 1.38
C CYS A 519 -8.74 20.22 0.95
N PHE A 520 -7.78 19.48 0.39
CA PHE A 520 -6.55 20.10 -0.10
C PHE A 520 -6.86 21.06 -1.25
N LYS A 521 -7.59 20.59 -2.25
CA LYS A 521 -7.85 21.41 -3.43
C LYS A 521 -8.51 22.73 -3.05
N GLU A 522 -9.47 22.70 -2.12
CA GLU A 522 -10.19 23.91 -1.78
C GLU A 522 -9.41 24.79 -0.80
N LEU A 523 -8.76 24.18 0.18
CA LEU A 523 -8.03 24.98 1.17
C LEU A 523 -6.70 25.49 0.63
N ASN A 524 -6.03 24.73 -0.24
CA ASN A 524 -4.67 25.06 -0.68
C ASN A 524 -4.74 26.19 -1.71
N VAL A 525 -4.97 27.41 -1.22
CA VAL A 525 -5.10 28.59 -2.07
C VAL A 525 -4.09 29.63 -1.62
N PHE A 526 -3.46 30.29 -2.60
CA PHE A 526 -2.49 31.33 -2.34
C PHE A 526 -3.09 32.69 -2.70
N GLY A 527 -2.23 33.70 -2.86
CA GLY A 527 -2.67 35.03 -3.18
C GLY A 527 -2.91 35.22 -4.66
N PRO A 528 -3.72 36.21 -5.01
CA PRO A 528 -3.96 36.48 -6.44
C PRO A 528 -2.67 36.90 -7.14
N ASN A 529 -2.30 36.11 -8.15
CA ASN A 529 -1.15 36.39 -9.00
C ASN A 529 0.18 36.21 -8.27
N GLY A 530 0.39 35.02 -7.71
CA GLY A 530 1.66 34.69 -7.10
C GLY A 530 2.02 35.53 -5.89
N THR A 531 1.02 36.03 -5.18
CA THR A 531 1.25 36.82 -3.97
C THR A 531 1.06 35.96 -2.73
N LEU A 532 1.68 36.39 -1.64
CA LEU A 532 1.59 35.68 -0.39
C LEU A 532 0.22 35.86 0.24
N PRO A 533 -0.53 34.79 0.51
CA PRO A 533 -1.78 34.94 1.26
C PRO A 533 -1.49 35.44 2.67
N PRO A 534 -2.52 35.87 3.41
CA PRO A 534 -2.26 36.41 4.75
C PRO A 534 -1.64 35.39 5.70
N ASP A 535 -2.08 34.12 5.62
CA ASP A 535 -1.58 33.11 6.53
C ASP A 535 -0.11 32.77 6.30
N LEU A 536 0.48 33.21 5.18
CA LEU A 536 1.88 32.95 4.88
C LEU A 536 2.75 34.21 4.91
N ASN A 537 2.22 35.30 5.45
CA ASN A 537 2.92 36.59 5.47
C ASN A 537 3.22 36.94 6.93
N ARG A 538 4.50 37.05 7.25
CA ARG A 538 4.91 37.35 8.62
C ARG A 538 4.70 38.81 8.99
N ASN A 539 4.59 39.71 8.00
CA ASN A 539 4.52 41.13 8.30
C ASN A 539 3.25 41.52 9.04
N HIS A 540 2.20 40.69 8.97
CA HIS A 540 0.93 41.00 9.63
C HIS A 540 0.25 39.69 9.98
N PRO A 541 0.37 39.23 11.24
CA PRO A 541 -0.44 38.12 11.74
C PRO A 541 -1.83 38.58 12.20
#